data_4ZBL
#
_entry.id   4ZBL
#
_cell.length_a   64.160
_cell.length_b   64.160
_cell.length_c   47.350
_cell.angle_alpha   90.000
_cell.angle_beta   90.000
_cell.angle_gamma   120.000
#
_symmetry.space_group_name_H-M   'P 31'
#
loop_
_entity.id
_entity.type
_entity.pdbx_description
1 polymer KillerOrange
2 non-polymer 'CITRIC ACID'
3 non-polymer GLYCEROL
4 water water
#
_entity_poly.entity_id   1
_entity_poly.type   'polypeptide(L)'
_entity_poly.pdbx_seq_one_letter_code
;MRGSHHHHHHGSRGSEVGPALFQSDMTFKIFIDGEVNGQKFTIVADGSSKFPHGDFNVHAVCETGKLPMSWKPICHLI
(4M9)EPFFARYPDGISHFAQECFPEGLSIDRTVRFENDGTMTSHHTYELDDTCVVSRITVNCDGFQPDGPIMRDQLVDI
LPSETHMFPHGPNAVRQTATIGFTTADGGKMMGHFDSKMTFNGSRAIEIPGPHFVTIITKQTRDTSDKRDHVCQREVAYA
HSVPRI
;
_entity_poly.pdbx_strand_id   A
#
loop_
_chem_comp.id
_chem_comp.type
_chem_comp.name
_chem_comp.formula
CIT non-polymer 'CITRIC ACID' 'C6 H8 O7'
GOL non-polymer GLYCEROL 'C3 H8 O3'
#
# COMPACT_ATOMS: atom_id res chain seq x y z
N SER A 15 -7.31 19.22 19.16
CA SER A 15 -8.33 19.57 18.10
C SER A 15 -8.65 18.38 17.15
N GLU A 16 -9.71 18.58 16.39
CA GLU A 16 -10.30 17.61 15.48
C GLU A 16 -9.37 17.41 14.21
N VAL A 17 -8.10 17.05 14.40
CA VAL A 17 -7.23 16.83 13.26
C VAL A 17 -6.53 15.53 13.51
N GLY A 18 -5.79 15.03 12.49
CA GLY A 18 -5.00 13.81 12.68
C GLY A 18 -5.75 12.62 13.25
N PRO A 19 -5.14 11.93 14.24
CA PRO A 19 -5.78 10.74 14.74
C PRO A 19 -7.20 10.95 15.27
N ALA A 20 -7.59 12.18 15.71
CA ALA A 20 -8.94 12.43 16.09
C ALA A 20 -9.95 12.12 14.96
N LEU A 21 -9.55 12.23 13.70
CA LEU A 21 -10.41 11.90 12.59
C LEU A 21 -10.46 10.39 12.25
N PHE A 22 -9.75 9.59 13.06
CA PHE A 22 -9.61 8.14 12.87
C PHE A 22 -10.22 7.41 14.02
N GLN A 23 -11.00 8.09 14.84
CA GLN A 23 -11.62 7.45 15.98
C GLN A 23 -12.92 6.69 15.68
N SER A 24 -13.36 6.65 14.43
CA SER A 24 -14.51 5.96 14.04
C SER A 24 -14.19 5.00 12.93
N ASP A 25 -15.20 4.23 12.59
CA ASP A 25 -15.08 3.31 11.43
C ASP A 25 -14.95 4.19 10.18
N MET A 26 -14.28 3.65 9.16
N MET A 26 -14.00 3.82 9.29
CA MET A 26 -14.01 4.43 7.98
CA MET A 26 -13.66 4.55 8.05
C MET A 26 -13.99 3.58 6.77
C MET A 26 -13.84 3.65 6.84
N THR A 27 -13.97 4.25 5.64
CA THR A 27 -13.91 3.53 4.35
C THR A 27 -12.77 4.13 3.54
N PHE A 28 -12.46 3.44 2.42
CA PHE A 28 -11.52 3.91 1.47
C PHE A 28 -11.86 3.48 0.10
N LYS A 29 -11.34 4.26 -0.83
CA LYS A 29 -11.63 4.15 -2.29
C LYS A 29 -10.37 4.46 -3.05
N ILE A 30 -10.04 3.65 -4.04
CA ILE A 30 -8.78 3.73 -4.76
C ILE A 30 -9.02 3.68 -6.28
N PHE A 31 -8.41 4.65 -6.98
CA PHE A 31 -8.41 4.68 -8.46
C PHE A 31 -6.95 4.42 -8.90
N ILE A 32 -6.69 3.40 -9.70
CA ILE A 32 -5.33 3.15 -10.23
C ILE A 32 -5.35 3.21 -11.73
N ASP A 33 -4.54 4.09 -12.30
N ASP A 33 -4.51 4.01 -12.32
CA ASP A 33 -4.20 4.25 -13.74
CA ASP A 33 -4.43 4.00 -13.74
C ASP A 33 -2.82 3.69 -13.93
C ASP A 33 -2.95 3.76 -14.05
N GLY A 34 -2.69 2.57 -14.63
CA GLY A 34 -1.39 1.96 -14.75
C GLY A 34 -1.04 1.51 -16.17
N GLU A 35 0.20 1.05 -16.28
CA GLU A 35 0.59 0.29 -17.47
C GLU A 35 1.61 -0.70 -17.06
N VAL A 36 1.61 -1.86 -17.73
CA VAL A 36 2.67 -2.82 -17.54
C VAL A 36 3.25 -3.20 -18.91
N ASN A 37 4.51 -2.93 -19.09
CA ASN A 37 5.17 -3.17 -20.38
C ASN A 37 4.40 -2.57 -21.53
N GLY A 38 3.93 -1.37 -21.28
CA GLY A 38 3.14 -0.62 -22.27
C GLY A 38 1.67 -0.99 -22.42
N GLN A 39 1.16 -1.97 -21.67
CA GLN A 39 -0.24 -2.38 -21.71
C GLN A 39 -0.97 -1.66 -20.60
N LYS A 40 -1.90 -0.80 -20.96
CA LYS A 40 -2.60 0.10 -20.04
C LYS A 40 -3.63 -0.73 -19.31
N PHE A 41 -3.83 -0.43 -18.02
CA PHE A 41 -4.92 -1.06 -17.25
C PHE A 41 -5.48 -0.02 -16.28
N THR A 42 -6.72 -0.25 -15.85
CA THR A 42 -7.42 0.64 -14.97
C THR A 42 -8.06 -0.26 -13.89
N ILE A 43 -7.81 0.09 -12.64
CA ILE A 43 -8.44 -0.60 -11.48
C ILE A 43 -9.14 0.43 -10.59
N VAL A 44 -10.25 -0.04 -10.02
CA VAL A 44 -10.93 0.67 -8.89
C VAL A 44 -11.06 -0.31 -7.74
N ALA A 45 -11.07 0.24 -6.54
CA ALA A 45 -11.12 -0.63 -5.35
C ALA A 45 -11.80 0.11 -4.20
N ASP A 46 -12.43 -0.63 -3.34
CA ASP A 46 -13.16 -0.05 -2.18
C ASP A 46 -13.01 -0.95 -0.99
N GLY A 47 -12.87 -0.35 0.17
CA GLY A 47 -12.74 -1.11 1.40
C GLY A 47 -13.16 -0.38 2.62
N SER A 48 -12.97 -1.02 3.76
CA SER A 48 -13.31 -0.41 5.03
C SER A 48 -12.26 -0.72 6.06
N SER A 49 -12.18 0.13 7.07
CA SER A 49 -11.30 -0.10 8.20
C SER A 49 -12.08 0.25 9.43
N LYS A 50 -12.31 -0.76 10.24
CA LYS A 50 -13.07 -0.58 11.47
C LYS A 50 -12.14 -0.26 12.64
N PHE A 51 -12.55 0.74 13.46
CA PHE A 51 -11.81 1.14 14.62
C PHE A 51 -11.64 -0.02 15.59
N PRO A 52 -10.49 -0.23 16.21
CA PRO A 52 -9.37 0.67 16.36
C PRO A 52 -8.31 0.58 15.25
N HIS A 53 -8.68 -0.02 14.08
CA HIS A 53 -7.86 -0.17 12.89
C HIS A 53 -6.81 -1.25 13.07
N GLY A 54 -6.01 -1.46 12.04
CA GLY A 54 -4.99 -2.49 12.03
C GLY A 54 -5.37 -3.79 11.29
N ASP A 55 -6.58 -3.94 10.81
CA ASP A 55 -7.01 -5.24 10.13
C ASP A 55 -8.15 -4.93 9.21
N PHE A 56 -7.83 -4.57 7.96
CA PHE A 56 -8.77 -3.95 7.03
C PHE A 56 -8.84 -4.60 5.71
N ASN A 57 -9.98 -4.55 5.03
CA ASN A 57 -10.26 -5.34 3.85
C ASN A 57 -10.57 -4.43 2.67
N VAL A 58 -10.28 -4.92 1.47
CA VAL A 58 -10.58 -4.17 0.24
C VAL A 58 -11.02 -5.14 -0.83
N HIS A 59 -11.80 -4.66 -1.79
CA HIS A 59 -12.18 -5.45 -3.01
C HIS A 59 -11.79 -4.62 -4.16
N ALA A 60 -11.18 -5.21 -5.20
CA ALA A 60 -10.68 -4.50 -6.34
C ALA A 60 -11.15 -5.12 -7.66
N VAL A 61 -11.36 -4.34 -8.70
CA VAL A 61 -11.77 -4.88 -9.98
C VAL A 61 -11.01 -4.15 -11.10
N CYS A 62 -10.64 -4.91 -12.16
CA CYS A 62 -9.97 -4.32 -13.31
C CYS A 62 -11.05 -3.90 -14.31
N GLU A 63 -11.09 -2.64 -14.68
CA GLU A 63 -12.07 -2.13 -15.60
C GLU A 63 -11.71 -2.45 -17.05
N THR A 64 -10.47 -2.65 -17.31
CA THR A 64 -10.04 -2.84 -18.69
C THR A 64 -10.11 -4.25 -19.19
N GLY A 65 -10.61 -5.19 -18.41
CA GLY A 65 -10.72 -6.57 -18.79
C GLY A 65 -9.91 -7.41 -17.86
N LYS A 66 -9.12 -8.32 -18.39
CA LYS A 66 -8.25 -9.15 -17.62
C LYS A 66 -7.00 -8.34 -17.25
N LEU A 67 -6.60 -8.41 -16.00
CA LEU A 67 -5.37 -7.69 -15.62
C LEU A 67 -4.20 -8.37 -16.37
N PRO A 68 -3.33 -7.55 -17.01
CA PRO A 68 -2.25 -8.17 -17.81
C PRO A 68 -1.05 -8.71 -17.04
N MET A 69 -1.08 -8.72 -15.71
CA MET A 69 -0.03 -9.23 -14.87
C MET A 69 -0.68 -9.87 -13.61
N SER A 70 0.08 -10.60 -12.83
CA SER A 70 -0.38 -11.02 -11.50
C SER A 70 -0.99 -9.83 -10.75
N TRP A 71 -2.08 -10.12 -10.03
CA TRP A 71 -2.54 -9.15 -9.03
C TRP A 71 -1.63 -9.06 -7.82
N LYS A 72 -0.76 -10.02 -7.52
CA LYS A 72 0.00 -9.93 -6.31
C LYS A 72 0.79 -8.65 -6.11
N PRO A 73 1.50 -8.21 -7.13
CA PRO A 73 2.32 -6.94 -7.00
C PRO A 73 1.43 -5.73 -6.87
N ILE A 74 0.14 -5.78 -7.18
CA ILE A 74 -0.81 -4.64 -6.95
C ILE A 74 -1.17 -4.52 -5.46
N CYS A 75 -0.82 -5.52 -4.66
CA CYS A 75 -1.30 -5.54 -3.24
C CYS A 75 -1.00 -4.29 -2.48
N HIS A 76 0.19 -3.72 -2.68
CA HIS A 76 0.60 -2.55 -1.90
C HIS A 76 0.02 -1.26 -2.49
N LEU A 77 -0.52 -1.28 -3.68
CA LEU A 77 -1.21 -0.10 -4.24
C LEU A 77 -2.61 -0.01 -3.64
N ILE A 78 -3.31 -1.15 -3.44
CA ILE A 78 -4.66 -1.09 -2.89
C ILE A 78 -4.63 -1.12 -1.37
O2 4M9 A 79 0.66 0.95 0.78
O2 4M9 A 79 0.91 0.88 1.16
C2 4M9 A 79 -0.04 -0.06 0.83
C2 4M9 A 79 0.10 -0.05 1.20
N3 4M9 A 79 -1.40 -0.09 0.59
N3 4M9 A 79 -1.26 0.03 0.84
CA3 4M9 A 79 -2.15 1.09 0.15
CA3 4M9 A 79 -1.85 1.22 0.25
C3 4M9 A 79 -2.74 2.05 1.15
C3 4M9 A 79 -2.51 2.16 1.19
O3 4M9 A 79 -3.24 3.07 0.70
O3 4M9 A 79 -2.81 3.28 0.76
CA2 4M9 A 79 0.30 -1.48 1.14
CA2 4M9 A 79 0.29 -1.47 1.52
N2 4M9 A 79 -0.87 -2.26 1.06
N2 4M9 A 79 -0.96 -2.15 1.42
C1 4M9 A 79 -1.81 -1.41 0.74
C1 4M9 A 79 -1.82 -1.30 0.96
CA1 4M9 A 79 -3.20 -1.79 0.50
CA1 4M9 A 79 -3.21 -1.59 0.62
N1 4M9 A 79 -3.56 -1.64 -0.76
N1 4M9 A 79 -3.53 -1.54 -0.72
CB1 4M9 A 79 -3.90 -2.84 1.34
CB1 4M9 A 79 -3.85 -2.59 1.53
CG 4M9 A 79 -5.38 -3.07 1.00
CG 4M9 A 79 -5.33 -2.91 1.26
CB2 4M9 A 79 1.57 -1.86 1.47
CB2 4M9 A 79 1.39 -2.19 1.93
CG2 4M9 A 79 2.05 -3.20 1.74
CG2 4M9 A 79 2.77 -1.90 2.18
CD1 4M9 A 79 1.28 -4.24 1.83
CD1 4M9 A 79 3.28 -0.70 2.55
NE1 4M9 A 79 2.02 -5.41 2.00
NE1 4M9 A 79 4.66 -0.73 2.79
CE2 4M9 A 79 3.33 -5.05 1.98
CE2 4M9 A 79 5.00 -2.09 2.53
CD2 4M9 A 79 3.39 -3.67 1.80
CD2 4M9 A 79 3.87 -2.82 2.19
CZ2 4M9 A 79 4.52 -5.76 2.12
CZ2 4M9 A 79 6.27 -2.69 2.61
CH2 4M9 A 79 5.74 -5.09 2.04
CH2 4M9 A 79 6.33 -4.03 2.33
CZ3 4M9 A 79 5.77 -3.73 1.85
CZ3 4M9 A 79 5.20 -4.78 2.01
CE3 4M9 A 79 4.59 -3.01 1.73
CE3 4M9 A 79 3.93 -4.14 1.91
CD 4M9 A 79 -6.00 -4.23 1.72
CD 4M9 A 79 -5.75 -4.09 2.07
N4 4M9 A 79 -7.08 -4.05 2.49
N4 4M9 A 79 -6.74 -3.92 2.98
O5 4M9 A 79 -5.53 -5.35 1.57
O5 4M9 A 79 -5.24 -5.18 1.89
N GLU A 80 -2.71 1.78 2.45
CA GLU A 80 -3.47 2.60 3.41
C GLU A 80 -2.78 2.71 4.71
N PRO A 81 -1.67 3.46 4.72
CA PRO A 81 -0.82 3.44 5.95
C PRO A 81 -1.50 3.97 7.18
N PHE A 82 -2.49 4.84 7.00
CA PHE A 82 -3.24 5.41 8.06
C PHE A 82 -4.15 4.43 8.81
N PHE A 83 -4.35 3.24 8.21
CA PHE A 83 -5.15 2.17 8.89
C PHE A 83 -4.31 1.11 9.56
N ALA A 84 -3.00 1.28 9.63
CA ALA A 84 -2.19 0.48 10.55
C ALA A 84 -2.54 0.87 11.96
N ARG A 85 -2.38 -0.06 12.87
CA ARG A 85 -2.56 0.21 14.32
C ARG A 85 -1.22 0.59 14.92
N TYR A 86 -1.21 1.76 15.56
CA TYR A 86 -0.02 2.27 16.23
C TYR A 86 -0.16 2.21 17.76
N PRO A 87 0.96 1.89 18.45
CA PRO A 87 0.92 2.00 19.90
C PRO A 87 1.02 3.45 20.34
N ASP A 88 0.70 3.70 21.61
CA ASP A 88 1.03 5.01 22.19
C ASP A 88 2.54 5.11 22.20
N GLY A 89 3.01 6.28 22.00
CA GLY A 89 4.41 6.46 22.03
C GLY A 89 5.10 6.55 20.70
N ILE A 90 4.43 6.04 19.62
CA ILE A 90 4.93 6.28 18.31
C ILE A 90 3.95 7.11 17.51
N SER A 91 4.40 8.25 17.00
N SER A 91 4.39 8.25 17.00
CA SER A 91 3.55 9.07 16.16
CA SER A 91 3.52 9.08 16.17
C SER A 91 3.02 8.31 14.96
C SER A 91 3.02 8.33 14.95
N HIS A 92 1.71 8.41 14.73
CA HIS A 92 1.05 7.79 13.54
C HIS A 92 1.02 8.88 12.46
N PHE A 93 2.12 9.00 11.75
CA PHE A 93 2.33 10.11 10.82
C PHE A 93 1.19 10.18 9.78
N ALA A 94 0.89 8.99 9.22
CA ALA A 94 -0.12 8.95 8.20
C ALA A 94 -1.46 9.43 8.64
N GLN A 95 -1.86 9.16 9.87
CA GLN A 95 -3.10 9.72 10.39
C GLN A 95 -2.98 11.22 10.64
N GLU A 96 -1.81 11.60 11.09
CA GLU A 96 -1.61 13.02 11.41
CA GLU A 96 -1.56 13.01 11.44
C GLU A 96 -1.70 13.92 10.21
N CYS A 97 -1.50 13.33 9.03
CA CYS A 97 -1.61 14.10 7.79
C CYS A 97 -3.00 14.60 7.44
N PHE A 98 -4.04 14.14 8.12
CA PHE A 98 -5.36 14.53 7.77
C PHE A 98 -5.78 15.74 8.67
N PRO A 99 -6.65 16.59 8.17
CA PRO A 99 -7.46 16.39 6.98
C PRO A 99 -6.83 16.78 5.63
N GLU A 100 -5.67 17.41 5.61
CA GLU A 100 -5.08 17.88 4.37
C GLU A 100 -4.73 16.76 3.43
N GLY A 101 -4.24 15.68 4.00
CA GLY A 101 -3.88 14.50 3.25
C GLY A 101 -2.36 14.41 2.97
N LEU A 102 -2.01 13.47 2.11
CA LEU A 102 -0.65 13.14 1.92
C LEU A 102 -0.43 12.63 0.47
N SER A 103 0.83 12.60 0.05
N SER A 103 0.83 12.62 0.04
CA SER A 103 1.18 12.03 -1.23
CA SER A 103 1.24 12.03 -1.23
C SER A 103 2.24 10.95 -0.98
C SER A 103 2.23 10.93 -0.94
N ILE A 104 2.27 9.94 -1.82
CA ILE A 104 3.29 8.88 -1.74
C ILE A 104 3.98 8.80 -3.06
N ASP A 105 5.31 8.62 -3.00
CA ASP A 105 6.11 8.31 -4.15
C ASP A 105 6.85 7.03 -3.83
N ARG A 106 6.71 5.99 -4.66
CA ARG A 106 7.15 4.65 -4.29
C ARG A 106 7.74 3.90 -5.44
N THR A 107 8.81 3.16 -5.17
N THR A 107 8.82 3.16 -5.19
CA THR A 107 9.41 2.34 -6.17
CA THR A 107 9.35 2.29 -6.20
C THR A 107 9.55 0.93 -5.59
C THR A 107 9.51 0.93 -5.59
N VAL A 108 9.07 -0.09 -6.30
CA VAL A 108 9.26 -1.47 -5.91
C VAL A 108 9.98 -2.17 -7.04
N ARG A 109 11.15 -2.70 -6.72
CA ARG A 109 12.06 -3.27 -7.67
C ARG A 109 12.12 -4.78 -7.48
N PHE A 110 11.56 -5.56 -8.40
CA PHE A 110 11.48 -6.99 -8.26
C PHE A 110 12.76 -7.66 -8.70
N GLU A 111 13.24 -8.51 -7.84
CA GLU A 111 14.53 -9.24 -8.12
C GLU A 111 14.35 -10.04 -9.35
N ASN A 112 15.32 -9.90 -10.29
CA ASN A 112 15.28 -10.57 -11.59
C ASN A 112 14.07 -10.21 -12.42
N ASP A 113 13.47 -9.03 -12.17
CA ASP A 113 12.27 -8.71 -12.86
C ASP A 113 12.09 -7.19 -12.91
N GLY A 114 10.84 -6.74 -13.17
CA GLY A 114 10.64 -5.35 -13.41
C GLY A 114 10.48 -4.45 -12.17
N THR A 115 10.23 -3.19 -12.46
CA THR A 115 10.15 -2.20 -11.40
C THR A 115 8.82 -1.47 -11.55
N MET A 116 8.17 -1.31 -10.40
N MET A 116 8.13 -1.29 -10.46
CA MET A 116 6.91 -0.55 -10.28
CA MET A 116 6.90 -0.48 -10.56
C MET A 116 7.16 0.81 -9.64
C MET A 116 7.12 0.79 -9.71
N THR A 117 6.82 1.89 -10.36
CA THR A 117 6.99 3.24 -9.78
C THR A 117 5.63 3.91 -9.73
N SER A 118 5.20 4.34 -8.55
CA SER A 118 3.85 4.90 -8.39
C SER A 118 3.91 6.25 -7.71
N HIS A 119 2.88 7.06 -8.01
CA HIS A 119 2.62 8.26 -7.31
C HIS A 119 1.15 8.23 -6.83
N HIS A 120 0.96 8.46 -5.55
CA HIS A 120 -0.36 8.41 -4.93
C HIS A 120 -0.75 9.72 -4.29
N THR A 121 -2.00 10.12 -4.38
CA THR A 121 -2.48 11.23 -3.54
C THR A 121 -3.60 10.70 -2.70
N TYR A 122 -3.73 11.13 -1.47
CA TYR A 122 -4.80 10.70 -0.53
C TYR A 122 -5.55 11.95 -0.01
N GLU A 123 -6.86 11.92 -0.04
N GLU A 123 -6.86 11.93 -0.05
CA GLU A 123 -7.70 13.01 0.43
CA GLU A 123 -7.67 12.99 0.51
C GLU A 123 -8.78 12.38 1.29
C GLU A 123 -8.75 12.36 1.34
N LEU A 124 -9.33 13.15 2.20
CA LEU A 124 -10.41 12.68 3.04
C LEU A 124 -11.75 13.29 2.62
N ASP A 125 -12.72 12.49 2.42
CA ASP A 125 -14.05 12.98 2.28
C ASP A 125 -14.93 12.30 3.29
N ASP A 126 -15.16 13.11 4.33
CA ASP A 126 -15.99 12.73 5.45
C ASP A 126 -15.21 11.60 6.11
N THR A 127 -15.71 10.37 5.97
CA THR A 127 -14.97 9.22 6.63
C THR A 127 -14.39 8.28 5.56
N CYS A 128 -14.28 8.72 4.32
CA CYS A 128 -13.71 7.86 3.22
C CYS A 128 -12.44 8.45 2.74
N VAL A 129 -11.33 7.69 2.87
CA VAL A 129 -10.04 8.15 2.36
C VAL A 129 -9.91 7.72 0.91
N VAL A 130 -9.80 8.70 0.02
CA VAL A 130 -9.80 8.44 -1.42
C VAL A 130 -8.36 8.60 -1.94
N SER A 131 -7.85 7.63 -2.67
CA SER A 131 -6.54 7.72 -3.30
C SER A 131 -6.66 7.65 -4.83
N ARG A 132 -5.82 8.46 -5.44
CA ARG A 132 -5.64 8.42 -6.85
C ARG A 132 -4.21 8.03 -7.10
N ILE A 133 -3.97 7.01 -7.92
CA ILE A 133 -2.66 6.45 -8.11
C ILE A 133 -2.37 6.29 -9.61
N THR A 134 -1.16 6.70 -10.01
CA THR A 134 -0.63 6.34 -11.34
C THR A 134 0.54 5.42 -11.09
N VAL A 135 0.66 4.41 -11.91
CA VAL A 135 1.75 3.47 -11.77
C VAL A 135 2.32 3.02 -13.08
N ASN A 136 3.65 2.99 -13.18
CA ASN A 136 4.33 2.51 -14.36
C ASN A 136 5.11 1.28 -13.98
N CYS A 137 4.80 0.16 -14.63
CA CYS A 137 5.32 -1.13 -14.30
C CYS A 137 6.17 -1.54 -15.49
N ASP A 138 7.46 -1.27 -15.42
CA ASP A 138 8.33 -1.37 -16.65
C ASP A 138 9.40 -2.43 -16.49
N GLY A 139 9.73 -3.07 -17.63
CA GLY A 139 10.75 -4.09 -17.61
C GLY A 139 10.46 -5.41 -17.07
N PHE A 140 9.15 -5.74 -17.00
CA PHE A 140 8.75 -7.03 -16.45
C PHE A 140 9.04 -8.15 -17.40
N GLN A 141 9.44 -9.25 -16.85
CA GLN A 141 9.88 -10.38 -17.70
C GLN A 141 8.70 -11.15 -18.23
N PRO A 142 8.54 -11.23 -19.56
CA PRO A 142 7.40 -12.00 -20.09
C PRO A 142 7.32 -13.43 -19.66
N ASP A 143 8.43 -14.08 -19.37
CA ASP A 143 8.36 -15.48 -18.93
C ASP A 143 8.55 -15.63 -17.47
N GLY A 144 8.58 -14.51 -16.73
CA GLY A 144 8.69 -14.61 -15.32
C GLY A 144 7.32 -14.78 -14.59
N PRO A 145 7.38 -14.90 -13.26
CA PRO A 145 6.15 -15.29 -12.54
C PRO A 145 5.20 -14.14 -12.30
N ILE A 146 5.56 -12.90 -12.58
CA ILE A 146 4.59 -11.79 -12.52
C ILE A 146 3.75 -11.78 -13.78
N MET A 147 4.40 -11.80 -14.92
CA MET A 147 3.66 -11.73 -16.15
C MET A 147 2.89 -13.02 -16.50
N ARG A 148 3.39 -14.14 -16.02
CA ARG A 148 2.73 -15.44 -16.21
C ARG A 148 1.78 -15.78 -15.07
N ASP A 149 1.57 -14.86 -14.12
CA ASP A 149 0.55 -15.12 -13.04
C ASP A 149 0.85 -16.35 -12.23
N GLN A 150 2.07 -16.47 -11.76
CA GLN A 150 2.52 -17.62 -10.99
C GLN A 150 2.79 -17.38 -9.56
N LEU A 151 2.36 -16.22 -9.05
CA LEU A 151 2.61 -15.94 -7.66
C LEU A 151 1.40 -16.39 -6.85
N VAL A 152 1.68 -17.13 -5.78
CA VAL A 152 0.66 -17.83 -5.04
C VAL A 152 0.33 -17.10 -3.75
N ASP A 153 1.28 -16.78 -2.88
CA ASP A 153 0.98 -16.21 -1.61
C ASP A 153 1.82 -14.98 -1.44
N ILE A 154 1.43 -14.13 -0.49
CA ILE A 154 2.20 -12.92 -0.12
C ILE A 154 2.79 -13.13 1.25
N LEU A 155 4.11 -13.04 1.37
CA LEU A 155 4.78 -13.25 2.59
C LEU A 155 4.58 -12.03 3.55
N PRO A 156 4.71 -12.23 4.86
CA PRO A 156 4.69 -11.15 5.78
C PRO A 156 5.90 -10.28 5.58
N SER A 157 5.76 -8.98 5.84
N SER A 157 5.75 -8.96 5.74
CA SER A 157 6.86 -8.10 5.73
CA SER A 157 6.85 -8.04 5.64
C SER A 157 7.00 -7.24 6.96
C SER A 157 7.01 -7.24 6.93
N GLU A 158 8.24 -6.98 7.35
CA GLU A 158 8.47 -6.02 8.45
C GLU A 158 9.12 -4.80 7.76
N THR A 159 8.40 -3.68 7.63
N THR A 159 8.42 -3.68 7.71
CA THR A 159 8.92 -2.49 6.97
CA THR A 159 8.89 -2.52 7.03
C THR A 159 9.54 -1.58 8.04
C THR A 159 9.53 -1.57 8.05
N HIS A 160 10.55 -0.83 7.62
CA HIS A 160 11.25 0.09 8.47
C HIS A 160 10.81 1.50 8.16
N MET A 161 10.28 2.22 9.10
CA MET A 161 9.80 3.54 8.92
C MET A 161 10.77 4.54 9.54
N PHE A 162 11.10 5.61 8.85
CA PHE A 162 11.89 6.62 9.50
C PHE A 162 11.57 8.02 9.06
N PRO A 163 11.72 8.98 9.94
CA PRO A 163 11.42 10.32 9.53
C PRO A 163 12.38 10.82 8.49
N HIS A 164 11.93 11.71 7.62
CA HIS A 164 12.68 12.20 6.55
C HIS A 164 12.35 13.64 6.39
N GLY A 165 13.29 14.50 6.80
CA GLY A 165 13.04 15.94 6.69
C GLY A 165 12.02 16.45 7.64
N PRO A 166 11.35 17.57 7.32
CA PRO A 166 10.46 18.14 8.27
C PRO A 166 9.04 17.62 8.20
N ASN A 167 8.68 16.96 7.08
CA ASN A 167 7.26 16.74 6.82
C ASN A 167 6.98 15.43 6.05
N ALA A 168 7.88 14.48 6.22
CA ALA A 168 7.78 13.21 5.43
C ALA A 168 8.36 12.08 6.24
N VAL A 169 7.91 10.88 5.86
CA VAL A 169 8.43 9.66 6.46
C VAL A 169 8.75 8.74 5.31
N ARG A 170 9.87 8.06 5.43
CA ARG A 170 10.26 7.08 4.44
C ARG A 170 10.20 5.69 5.01
N GLN A 171 10.04 4.75 4.11
CA GLN A 171 10.18 3.39 4.55
C GLN A 171 10.90 2.54 3.56
N THR A 172 11.54 1.49 4.07
CA THR A 172 12.25 0.52 3.25
C THR A 172 11.77 -0.86 3.72
N ALA A 173 11.66 -1.81 2.81
CA ALA A 173 11.28 -3.15 3.13
C ALA A 173 11.65 -4.08 2.02
N THR A 174 11.55 -5.37 2.29
N THR A 174 11.52 -5.38 2.30
CA THR A 174 11.51 -6.31 1.20
CA THR A 174 11.52 -6.37 1.26
C THR A 174 10.12 -6.89 1.21
C THR A 174 10.10 -6.91 1.22
N ILE A 175 9.52 -6.91 0.04
CA ILE A 175 8.26 -7.50 -0.20
C ILE A 175 8.47 -8.85 -0.83
N GLY A 176 7.64 -9.82 -0.50
CA GLY A 176 7.92 -11.19 -0.90
C GLY A 176 6.69 -11.97 -1.31
N PHE A 177 6.83 -12.79 -2.32
CA PHE A 177 5.75 -13.63 -2.90
C PHE A 177 6.29 -15.04 -3.09
N THR A 178 5.48 -16.06 -2.80
CA THR A 178 5.87 -17.43 -3.13
C THR A 178 5.39 -17.66 -4.55
N THR A 179 6.08 -18.58 -5.26
CA THR A 179 5.74 -18.96 -6.58
C THR A 179 5.26 -20.41 -6.63
N ALA A 180 4.68 -20.67 -7.80
CA ALA A 180 3.90 -21.86 -8.04
C ALA A 180 4.75 -23.14 -7.88
N ASP A 181 5.98 -23.11 -8.35
CA ASP A 181 6.88 -24.25 -8.13
C ASP A 181 7.72 -24.23 -6.85
N GLY A 182 7.25 -23.61 -5.77
CA GLY A 182 7.97 -23.58 -4.49
C GLY A 182 9.09 -22.53 -4.24
N GLY A 183 9.30 -21.58 -5.16
CA GLY A 183 10.32 -20.53 -5.00
C GLY A 183 9.72 -19.26 -4.39
N LYS A 184 10.48 -18.20 -4.51
CA LYS A 184 10.06 -16.89 -3.97
C LYS A 184 10.47 -15.86 -4.96
N MET A 185 9.68 -14.80 -4.99
CA MET A 185 10.02 -13.60 -5.70
C MET A 185 10.00 -12.45 -4.70
N MET A 186 11.15 -11.83 -4.51
CA MET A 186 11.34 -10.74 -3.59
C MET A 186 11.55 -9.41 -4.33
N GLY A 187 11.03 -8.35 -3.77
CA GLY A 187 11.32 -7.01 -4.30
C GLY A 187 11.83 -6.05 -3.23
N HIS A 188 12.61 -5.07 -3.63
N HIS A 188 12.65 -5.08 -3.62
CA HIS A 188 13.07 -4.06 -2.72
CA HIS A 188 13.04 -4.00 -2.73
C HIS A 188 12.06 -2.86 -2.80
C HIS A 188 12.02 -2.87 -2.80
N PHE A 189 11.50 -2.51 -1.66
CA PHE A 189 10.41 -1.51 -1.54
C PHE A 189 10.98 -0.26 -0.87
N ASP A 190 10.85 0.87 -1.57
CA ASP A 190 11.22 2.18 -1.05
C ASP A 190 10.05 3.10 -1.28
N SER A 191 9.58 3.72 -0.24
CA SER A 191 8.39 4.59 -0.38
C SER A 191 8.49 5.79 0.55
N LYS A 192 8.01 6.94 0.12
CA LYS A 192 8.00 8.15 0.94
C LYS A 192 6.61 8.75 1.00
N MET A 193 6.13 9.05 2.21
N MET A 193 6.13 9.06 2.21
CA MET A 193 4.89 9.77 2.45
CA MET A 193 4.86 9.76 2.41
C MET A 193 5.20 11.21 2.78
C MET A 193 5.15 11.19 2.82
N THR A 194 4.55 12.14 2.11
CA THR A 194 4.74 13.58 2.35
C THR A 194 3.45 14.22 2.70
N PHE A 195 3.43 14.94 3.80
CA PHE A 195 2.24 15.71 4.25
C PHE A 195 1.93 16.82 3.26
N ASN A 196 0.63 16.99 2.94
CA ASN A 196 0.27 17.98 1.95
C ASN A 196 -0.03 19.34 2.53
N GLY A 197 -0.13 19.47 3.84
CA GLY A 197 -0.36 20.74 4.48
C GLY A 197 0.95 21.47 4.87
N SER A 198 0.77 22.57 5.63
CA SER A 198 1.88 23.36 6.15
C SER A 198 2.00 23.41 7.64
N ARG A 199 0.94 23.12 8.37
CA ARG A 199 1.07 23.09 9.80
C ARG A 199 2.04 22.05 10.33
N ALA A 200 2.48 22.27 11.57
CA ALA A 200 3.41 21.34 12.17
C ALA A 200 2.64 20.10 12.63
N ILE A 201 3.15 18.94 12.23
CA ILE A 201 2.60 17.68 12.71
C ILE A 201 3.74 16.83 13.26
N GLU A 202 3.40 15.92 14.13
CA GLU A 202 4.39 15.17 14.85
C GLU A 202 5.11 14.17 13.99
N ILE A 203 6.44 14.29 13.86
CA ILE A 203 7.20 13.29 13.16
C ILE A 203 7.49 12.12 14.07
N PRO A 204 7.43 10.89 13.52
CA PRO A 204 7.77 9.73 14.39
C PRO A 204 9.28 9.51 14.56
N GLY A 205 9.64 8.77 15.61
CA GLY A 205 10.91 8.09 15.60
C GLY A 205 10.99 6.93 14.69
N PRO A 206 12.14 6.42 14.40
CA PRO A 206 12.27 5.23 13.60
C PRO A 206 11.54 4.09 14.28
N HIS A 207 10.93 3.22 13.45
CA HIS A 207 10.15 2.11 14.02
C HIS A 207 9.83 1.13 12.87
N PHE A 208 9.12 0.08 13.22
CA PHE A 208 8.80 -0.96 12.27
C PHE A 208 7.29 -1.13 12.17
N VAL A 209 6.85 -1.57 11.01
CA VAL A 209 5.42 -1.94 10.87
C VAL A 209 5.39 -3.33 10.28
N THR A 210 4.72 -4.21 10.98
CA THR A 210 4.47 -5.60 10.50
C THR A 210 3.29 -5.59 9.57
N ILE A 211 3.42 -6.12 8.37
CA ILE A 211 2.33 -6.09 7.36
C ILE A 211 2.07 -7.48 6.91
N ILE A 212 0.89 -8.01 7.18
CA ILE A 212 0.47 -9.35 6.78
C ILE A 212 -0.67 -9.28 5.80
N THR A 213 -0.53 -9.83 4.61
CA THR A 213 -1.45 -9.55 3.51
C THR A 213 -1.98 -10.87 2.99
N LYS A 214 -3.25 -10.91 2.65
CA LYS A 214 -3.85 -12.11 2.10
C LYS A 214 -4.72 -11.67 0.99
N GLN A 215 -4.39 -12.10 -0.23
CA GLN A 215 -5.13 -11.74 -1.44
C GLN A 215 -5.71 -12.95 -2.07
N THR A 216 -6.97 -12.94 -2.37
CA THR A 216 -7.56 -14.11 -3.11
C THR A 216 -8.39 -13.70 -4.28
N ARG A 217 -8.47 -14.58 -5.28
CA ARG A 217 -9.40 -14.29 -6.37
C ARG A 217 -10.86 -14.34 -5.95
N ASP A 218 -11.67 -13.37 -6.42
CA ASP A 218 -13.11 -13.45 -6.25
C ASP A 218 -13.61 -14.14 -7.55
N THR A 219 -14.17 -15.37 -7.43
CA THR A 219 -14.58 -16.10 -8.62
C THR A 219 -16.03 -15.79 -8.98
N SER A 220 -16.71 -14.90 -8.25
CA SER A 220 -18.05 -14.60 -8.65
C SER A 220 -18.13 -13.91 -10.01
N ASP A 221 -19.23 -14.14 -10.72
CA ASP A 221 -19.52 -13.44 -11.95
C ASP A 221 -18.46 -13.64 -13.03
N LYS A 222 -18.21 -12.66 -13.91
CA LYS A 222 -17.24 -12.81 -15.02
C LYS A 222 -15.95 -11.92 -14.92
N ARG A 223 -16.10 -10.82 -14.25
CA ARG A 223 -15.11 -9.78 -14.31
C ARG A 223 -13.86 -10.22 -13.45
N ASP A 224 -12.75 -9.50 -13.64
CA ASP A 224 -11.49 -9.86 -13.02
C ASP A 224 -11.38 -9.00 -11.69
N HIS A 225 -11.52 -9.71 -10.58
CA HIS A 225 -11.63 -9.06 -9.30
C HIS A 225 -11.04 -9.91 -8.21
N VAL A 226 -10.57 -9.22 -7.19
CA VAL A 226 -9.91 -9.84 -6.05
C VAL A 226 -10.37 -9.21 -4.74
N CYS A 227 -10.13 -9.93 -3.66
CA CYS A 227 -10.37 -9.47 -2.31
C CYS A 227 -9.00 -9.48 -1.63
N GLN A 228 -8.78 -8.57 -0.68
CA GLN A 228 -7.54 -8.55 0.04
C GLN A 228 -7.73 -8.05 1.43
N ARG A 229 -7.02 -8.63 2.36
CA ARG A 229 -7.01 -8.20 3.73
C ARG A 229 -5.59 -7.91 4.16
N GLU A 230 -5.43 -6.89 5.00
CA GLU A 230 -4.16 -6.55 5.53
C GLU A 230 -4.23 -6.36 7.05
N VAL A 231 -3.33 -7.04 7.76
CA VAL A 231 -3.11 -6.77 9.16
C VAL A 231 -1.84 -5.94 9.26
N ALA A 232 -1.84 -4.77 9.90
CA ALA A 232 -0.68 -3.93 9.91
C ALA A 232 -0.56 -3.24 11.27
N TYR A 233 0.60 -3.40 11.90
CA TYR A 233 0.76 -2.83 13.26
C TYR A 233 2.21 -2.40 13.48
N ALA A 234 2.37 -1.29 14.15
CA ALA A 234 3.68 -0.70 14.42
C ALA A 234 4.23 -1.12 15.76
N HIS A 235 5.56 -1.07 15.84
CA HIS A 235 6.27 -1.40 17.07
C HIS A 235 7.69 -0.86 16.97
N SER A 236 8.30 -0.60 18.14
CA SER A 236 9.60 0.05 18.19
C SER A 236 10.78 -0.80 17.75
N VAL A 237 10.76 -2.05 18.14
CA VAL A 237 11.92 -2.92 17.92
C VAL A 237 11.54 -4.01 16.90
N PRO A 238 12.46 -4.43 16.04
CA PRO A 238 12.17 -5.42 15.00
C PRO A 238 11.88 -6.76 15.65
N ARG A 239 11.01 -7.52 15.02
CA ARG A 239 10.79 -8.89 15.44
C ARG A 239 11.40 -9.92 14.43
N ILE A 240 11.83 -9.48 13.24
CA ILE A 240 12.42 -10.43 12.26
C ILE A 240 13.93 -10.23 12.22
C1 CIT B . -18.37 -5.45 -5.69
O1 CIT B . -19.29 -4.77 -5.27
O2 CIT B . -18.60 -6.36 -6.42
C2 CIT B . -16.90 -5.14 -5.35
C3 CIT B . -16.25 -4.49 -6.57
O7 CIT B . -17.11 -3.47 -7.04
C4 CIT B . -14.87 -3.90 -6.32
C5 CIT B . -14.92 -2.62 -5.50
O3 CIT B . -14.55 -1.63 -6.00
O4 CIT B . -15.32 -2.69 -4.39
C6 CIT B . -16.12 -5.59 -7.58
O5 CIT B . -16.56 -5.45 -8.67
O6 CIT B . -15.54 -6.60 -7.25
C1 GOL C . -0.25 0.02 4.55
O1 GOL C . -1.57 -0.34 4.09
C2 GOL C . -0.02 -0.44 5.97
O2 GOL C . -0.95 0.15 6.91
C3 GOL C . 1.42 -0.27 6.41
O3 GOL C . 2.03 1.00 6.04
C1 GOL D . -14.94 -3.96 3.28
O1 GOL D . -15.54 -3.57 1.99
C2 GOL D . -14.81 -5.46 3.34
O2 GOL D . -14.46 -6.00 2.05
C3 GOL D . -15.93 -6.16 4.05
O3 GOL D . -15.25 -7.34 4.60
#